data_8RW7
#
_entry.id   8RW7
#
_cell.length_a   39.519
_cell.length_b   179.697
_cell.length_c   139.927
_cell.angle_alpha   90.00
_cell.angle_beta   90.00
_cell.angle_gamma   90.00
#
_symmetry.space_group_name_H-M   'C 2 2 21'
#
loop_
_entity.id
_entity.type
_entity.pdbx_description
1 polymer 'Adenosine receptor A2a,Soluble cytochrome b562'
2 non-polymer 8-[(~{E})-2-(3,4-dimethoxyphenyl)ethenyl]-1,3-diethyl-7~{H}-purine-2,6-dione
3 non-polymer CHOLESTEROL
4 non-polymer 'OLEIC ACID'
5 non-polymer '(2R)-2,3-dihydroxypropyl (9Z)-octadec-9-enoate'
6 non-polymer '(2S)-2,3-dihydroxypropyl (9Z)-octadec-9-enoate'
7 non-polymer 'SODIUM ION'
8 water water
#
_entity_poly.entity_id   1
_entity_poly.type   'polypeptide(L)'
_entity_poly.pdbx_seq_one_letter_code
;MKTIIALSYIFCLVFADYKDDDDGAPPIMGSSVYITVELAIAVLAILGNVLVCWAVWLNSNLQNVTNYFVVSLAAADILV
GVLAIPFAITISTGFCAACHGCLFIACFVLVLAQSSIFSLLAIAIDRYIAIAIPLRYNGLVTGTRAAGIIAICWVLSFAI
GLTPMLGWNNCGQPKEGKAHSQGCGEGQVACLFEDVVPMNYMVYFNFFACVLVPLLLMLGVYLRIFAAARRQLADLEDNW
ETLNDNLKVIEKADNAAQVKDALTKMRAAALDAQKATPPKLEDKSPDSPEMKDFRHGFDILVGQIDDALKLANEGKVKEA
QAAAEQLKTTRNAYIQKYLERARSTLQKEVHAAKSAAIIAGLFALCWLPLHIINCFTFFCPDCSHAPLWLMYLAIVLSHT
NSVVNPFIYAYRIREFRQTFRKIIRSHVLRQQEPFKAAAHHHHHHHHHH
;
_entity_poly.pdbx_strand_id   A
#
loop_
_chem_comp.id
_chem_comp.type
_chem_comp.name
_chem_comp.formula
A1H3J non-polymer 8-[(~{E})-2-(3,4-dimethoxyphenyl)ethenyl]-1,3-diethyl-7~{H}-purine-2,6-dione 'C19 H22 N4 O4'
CLR non-polymer CHOLESTEROL 'C27 H46 O'
NA non-polymer 'SODIUM ION' 'Na 1'
OLA non-polymer 'OLEIC ACID' 'C18 H34 O2'
OLB non-polymer '(2S)-2,3-dihydroxypropyl (9Z)-octadec-9-enoate' 'C21 H40 O4'
OLC non-polymer '(2R)-2,3-dihydroxypropyl (9Z)-octadec-9-enoate' 'C21 H40 O4'
#
# COMPACT_ATOMS: atom_id res chain seq x y z
N ALA A 25 -32.25 -25.23 -15.37
CA ALA A 25 -33.08 -24.11 -14.94
C ALA A 25 -32.85 -22.90 -15.84
N PRO A 26 -33.87 -22.08 -16.03
CA PRO A 26 -33.74 -20.89 -16.90
C PRO A 26 -32.55 -20.04 -16.50
N PRO A 27 -31.69 -19.70 -17.46
CA PRO A 27 -30.45 -18.97 -17.13
C PRO A 27 -30.71 -17.61 -16.49
N ILE A 28 -31.84 -16.97 -16.83
CA ILE A 28 -32.11 -15.63 -16.32
C ILE A 28 -32.28 -15.63 -14.81
N MET A 29 -32.51 -16.80 -14.20
CA MET A 29 -32.72 -16.86 -12.75
C MET A 29 -31.39 -16.69 -12.03
N GLY A 30 -30.43 -17.56 -12.34
CA GLY A 30 -29.09 -17.40 -11.79
C GLY A 30 -28.43 -16.11 -12.24
N SER A 31 -28.76 -15.65 -13.46
N SER A 31 -28.76 -15.65 -13.46
CA SER A 31 -28.23 -14.38 -13.94
CA SER A 31 -28.23 -14.38 -13.94
C SER A 31 -28.77 -13.22 -13.12
C SER A 31 -28.76 -13.22 -13.11
N SER A 32 -30.05 -13.27 -12.74
CA SER A 32 -30.65 -12.22 -11.93
C SER A 32 -29.92 -12.06 -10.59
N VAL A 33 -29.58 -13.18 -9.95
CA VAL A 33 -28.85 -13.13 -8.69
C VAL A 33 -27.49 -12.52 -8.89
N TYR A 34 -26.75 -13.01 -9.89
CA TYR A 34 -25.41 -12.48 -10.18
C TYR A 34 -25.48 -10.97 -10.46
N ILE A 35 -26.42 -10.56 -11.31
CA ILE A 35 -26.51 -9.15 -11.70
C ILE A 35 -26.90 -8.29 -10.51
N THR A 36 -27.86 -8.75 -9.70
CA THR A 36 -28.28 -7.97 -8.54
C THR A 36 -27.13 -7.78 -7.56
N VAL A 37 -26.34 -8.84 -7.32
CA VAL A 37 -25.19 -8.73 -6.43
C VAL A 37 -24.18 -7.74 -7.00
N GLU A 38 -23.91 -7.84 -8.31
CA GLU A 38 -22.95 -6.93 -8.94
C GLU A 38 -23.39 -5.48 -8.80
N LEU A 39 -24.67 -5.20 -9.03
CA LEU A 39 -25.17 -3.83 -8.90
C LEU A 39 -25.05 -3.35 -7.45
N ALA A 40 -25.35 -4.22 -6.49
CA ALA A 40 -25.16 -3.85 -5.09
C ALA A 40 -23.71 -3.51 -4.79
N ILE A 41 -22.78 -4.29 -5.35
CA ILE A 41 -21.36 -4.01 -5.14
C ILE A 41 -20.97 -2.69 -5.78
N ALA A 42 -21.49 -2.42 -6.98
CA ALA A 42 -21.16 -1.19 -7.69
C ALA A 42 -21.59 0.04 -6.90
N VAL A 43 -22.79 0.00 -6.30
CA VAL A 43 -23.27 1.12 -5.49
C VAL A 43 -22.32 1.38 -4.33
N LEU A 44 -21.93 0.31 -3.63
CA LEU A 44 -21.09 0.48 -2.46
C LEU A 44 -19.68 0.94 -2.84
N ALA A 45 -19.17 0.46 -3.97
CA ALA A 45 -17.84 0.88 -4.41
C ALA A 45 -17.82 2.37 -4.75
N ILE A 46 -18.86 2.87 -5.41
CA ILE A 46 -18.92 4.29 -5.74
C ILE A 46 -19.03 5.14 -4.48
N LEU A 47 -19.99 4.80 -3.60
CA LEU A 47 -20.24 5.63 -2.43
C LEU A 47 -19.03 5.71 -1.52
N GLY A 48 -18.41 4.57 -1.22
CA GLY A 48 -17.30 4.57 -0.28
C GLY A 48 -16.09 5.29 -0.80
N ASN A 49 -15.77 5.12 -2.08
CA ASN A 49 -14.55 5.71 -2.62
C ASN A 49 -14.73 7.16 -3.03
N VAL A 50 -15.95 7.57 -3.41
CA VAL A 50 -16.24 9.00 -3.50
C VAL A 50 -16.00 9.67 -2.15
N LEU A 51 -16.41 9.02 -1.06
CA LEU A 51 -16.18 9.57 0.27
C LEU A 51 -14.71 9.71 0.57
N VAL A 52 -13.90 8.73 0.14
CA VAL A 52 -12.45 8.82 0.30
C VAL A 52 -11.91 10.05 -0.41
N CYS A 53 -12.30 10.23 -1.69
CA CYS A 53 -11.79 11.35 -2.46
C CYS A 53 -12.24 12.68 -1.86
N TRP A 54 -13.49 12.74 -1.42
CA TRP A 54 -14.01 13.96 -0.80
C TRP A 54 -13.21 14.31 0.46
N ALA A 55 -12.88 13.31 1.27
CA ALA A 55 -12.11 13.55 2.49
C ALA A 55 -10.74 14.13 2.18
N VAL A 56 -10.04 13.56 1.19
CA VAL A 56 -8.72 14.07 0.85
C VAL A 56 -8.84 15.50 0.35
N TRP A 57 -9.84 15.75 -0.51
CA TRP A 57 -10.08 17.11 -1.02
C TRP A 57 -10.35 18.11 0.10
N LEU A 58 -11.11 17.72 1.12
CA LEU A 58 -11.54 18.71 2.10
C LEU A 58 -10.50 18.96 3.19
N ASN A 59 -9.74 17.95 3.58
CA ASN A 59 -8.89 18.04 4.77
C ASN A 59 -7.43 18.14 4.34
N SER A 60 -6.80 19.27 4.63
N SER A 60 -6.80 19.28 4.62
CA SER A 60 -5.40 19.47 4.29
CA SER A 60 -5.40 19.47 4.27
C SER A 60 -4.47 18.56 5.06
C SER A 60 -4.47 18.55 5.07
N ASN A 61 -4.93 18.03 6.21
CA ASN A 61 -4.14 17.06 6.95
C ASN A 61 -4.04 15.73 6.22
N LEU A 62 -4.90 15.50 5.24
CA LEU A 62 -4.88 14.28 4.43
C LEU A 62 -4.22 14.49 3.08
N GLN A 63 -3.75 15.70 2.79
CA GLN A 63 -3.17 16.02 1.49
C GLN A 63 -1.66 15.84 1.59
N ASN A 64 -1.21 14.62 1.30
CA ASN A 64 0.19 14.25 1.25
C ASN A 64 0.38 13.28 0.09
N VAL A 65 1.65 12.99 -0.23
CA VAL A 65 1.92 12.18 -1.42
C VAL A 65 1.30 10.80 -1.28
N THR A 66 1.41 10.18 -0.10
CA THR A 66 0.83 8.85 0.12
C THR A 66 -0.64 8.82 -0.26
N ASN A 67 -1.40 9.84 0.13
CA ASN A 67 -2.83 9.85 -0.11
C ASN A 67 -3.20 10.22 -1.53
N TYR A 68 -2.27 10.82 -2.29
CA TYR A 68 -2.53 10.99 -3.72
C TYR A 68 -2.59 9.64 -4.43
N PHE A 69 -1.75 8.69 -4.01
CA PHE A 69 -1.86 7.33 -4.53
C PHE A 69 -3.14 6.66 -4.01
N VAL A 70 -3.52 6.95 -2.76
CA VAL A 70 -4.80 6.48 -2.23
C VAL A 70 -5.96 7.00 -3.07
N VAL A 71 -5.89 8.25 -3.51
CA VAL A 71 -6.96 8.80 -4.36
C VAL A 71 -6.96 8.14 -5.73
N SER A 72 -5.79 7.94 -6.33
CA SER A 72 -5.72 7.23 -7.60
CA SER A 72 -5.72 7.23 -7.60
C SER A 72 -6.29 5.83 -7.46
N LEU A 73 -6.06 5.18 -6.30
CA LEU A 73 -6.62 3.87 -6.05
C LEU A 73 -8.14 3.93 -5.89
N ALA A 74 -8.63 4.96 -5.20
CA ALA A 74 -10.08 5.14 -5.10
C ALA A 74 -10.73 5.48 -6.43
N ALA A 75 -10.03 6.22 -7.29
CA ALA A 75 -10.56 6.51 -8.62
C ALA A 75 -10.73 5.23 -9.44
N ALA A 76 -9.74 4.32 -9.36
CA ALA A 76 -9.88 3.03 -10.04
C ALA A 76 -11.09 2.27 -9.53
N ASP A 77 -11.34 2.31 -8.21
CA ASP A 77 -12.45 1.56 -7.65
C ASP A 77 -13.80 2.21 -8.00
N ILE A 78 -13.84 3.54 -8.10
CA ILE A 78 -15.03 4.21 -8.60
C ILE A 78 -15.36 3.75 -10.01
N LEU A 79 -14.33 3.61 -10.86
CA LEU A 79 -14.55 3.17 -12.23
C LEU A 79 -14.90 1.69 -12.32
N VAL A 80 -14.53 0.89 -11.33
CA VAL A 80 -15.06 -0.48 -11.26
C VAL A 80 -16.57 -0.45 -11.13
N GLY A 81 -17.09 0.45 -10.29
CA GLY A 81 -18.53 0.53 -10.11
C GLY A 81 -19.23 1.12 -11.31
N VAL A 82 -18.66 2.18 -11.89
CA VAL A 82 -19.32 2.90 -12.98
C VAL A 82 -19.17 2.16 -14.30
N LEU A 83 -18.02 1.54 -14.55
CA LEU A 83 -17.77 0.95 -15.87
C LEU A 83 -17.50 -0.55 -15.84
N ALA A 84 -16.58 -1.02 -14.98
CA ALA A 84 -16.18 -2.43 -15.06
C ALA A 84 -17.31 -3.37 -14.70
N ILE A 85 -18.14 -3.01 -13.72
CA ILE A 85 -19.22 -3.88 -13.29
C ILE A 85 -20.31 -3.88 -14.35
N PRO A 86 -20.74 -2.72 -14.89
CA PRO A 86 -21.64 -2.77 -16.05
C PRO A 86 -21.06 -3.57 -17.21
N PHE A 87 -19.76 -3.48 -17.47
CA PHE A 87 -19.16 -4.28 -18.53
C PHE A 87 -19.23 -5.76 -18.21
N ALA A 88 -18.99 -6.12 -16.95
CA ALA A 88 -19.04 -7.53 -16.54
C ALA A 88 -20.46 -8.09 -16.68
N ILE A 89 -21.45 -7.31 -16.28
CA ILE A 89 -22.85 -7.72 -16.48
C ILE A 89 -23.12 -7.96 -17.95
N THR A 90 -22.69 -7.03 -18.80
CA THR A 90 -22.92 -7.15 -20.24
C THR A 90 -22.29 -8.41 -20.80
N ILE A 91 -21.03 -8.68 -20.47
CA ILE A 91 -20.32 -9.82 -21.05
C ILE A 91 -20.80 -11.15 -20.50
N SER A 92 -21.56 -11.15 -19.40
CA SER A 92 -22.13 -12.39 -18.91
C SER A 92 -23.31 -12.87 -19.75
N THR A 93 -23.90 -11.99 -20.56
CA THR A 93 -25.05 -12.37 -21.37
C THR A 93 -24.68 -13.04 -22.68
N GLY A 94 -23.41 -12.96 -23.10
CA GLY A 94 -23.02 -13.52 -24.37
C GLY A 94 -23.60 -12.84 -25.59
N PHE A 95 -23.97 -11.58 -25.49
CA PHE A 95 -24.66 -10.89 -26.58
C PHE A 95 -23.76 -10.79 -27.82
N CYS A 96 -24.40 -10.67 -28.98
CA CYS A 96 -23.67 -10.57 -30.24
C CYS A 96 -22.94 -9.23 -30.33
N ALA A 97 -21.66 -9.28 -30.66
CA ALA A 97 -20.84 -8.07 -30.72
C ALA A 97 -19.68 -8.27 -31.68
N ALA A 98 -19.27 -7.18 -32.32
CA ALA A 98 -17.98 -7.16 -33.01
C ALA A 98 -16.88 -7.54 -32.02
N CYS A 99 -15.97 -8.43 -32.44
CA CYS A 99 -15.06 -9.07 -31.50
C CYS A 99 -14.17 -8.05 -30.78
N HIS A 100 -13.68 -7.03 -31.48
CA HIS A 100 -12.80 -6.08 -30.81
C HIS A 100 -13.55 -5.14 -29.88
N GLY A 101 -14.81 -4.83 -30.17
CA GLY A 101 -15.62 -4.13 -29.17
C GLY A 101 -15.84 -5.00 -27.94
N CYS A 102 -16.14 -6.27 -28.15
CA CYS A 102 -16.24 -7.22 -27.05
C CYS A 102 -14.94 -7.28 -26.27
N LEU A 103 -13.81 -7.22 -26.98
N LEU A 103 -13.80 -7.20 -26.97
CA LEU A 103 -12.50 -7.28 -26.33
CA LEU A 103 -12.51 -7.30 -26.31
C LEU A 103 -12.31 -6.12 -25.35
C LEU A 103 -12.27 -6.11 -25.36
N PHE A 104 -12.75 -4.93 -25.74
CA PHE A 104 -12.55 -3.75 -24.88
C PHE A 104 -13.32 -3.88 -23.58
N ILE A 105 -14.60 -4.26 -23.65
CA ILE A 105 -15.37 -4.38 -22.42
C ILE A 105 -14.85 -5.53 -21.58
N ALA A 106 -14.23 -6.52 -22.20
CA ALA A 106 -13.63 -7.61 -21.43
C ALA A 106 -12.37 -7.13 -20.72
N CYS A 107 -11.57 -6.29 -21.37
CA CYS A 107 -10.24 -5.98 -20.89
C CYS A 107 -10.15 -4.72 -20.05
N PHE A 108 -11.18 -3.85 -20.07
CA PHE A 108 -11.06 -2.58 -19.36
C PHE A 108 -10.80 -2.82 -17.87
N VAL A 109 -11.42 -3.86 -17.30
CA VAL A 109 -11.21 -4.12 -15.87
C VAL A 109 -9.74 -4.44 -15.59
N LEU A 110 -9.04 -5.00 -16.57
CA LEU A 110 -7.62 -5.27 -16.39
C LEU A 110 -6.81 -3.98 -16.27
N VAL A 111 -7.25 -2.92 -16.93
CA VAL A 111 -6.62 -1.61 -16.79
C VAL A 111 -6.77 -1.11 -15.35
N LEU A 112 -7.98 -1.23 -14.80
CA LEU A 112 -8.24 -0.74 -13.46
C LEU A 112 -7.49 -1.56 -12.42
N ALA A 113 -7.46 -2.88 -12.60
CA ALA A 113 -6.68 -3.72 -11.68
C ALA A 113 -5.20 -3.38 -11.75
N GLN A 114 -4.68 -3.12 -12.96
CA GLN A 114 -3.26 -2.82 -13.09
C GLN A 114 -2.92 -1.50 -12.43
N SER A 115 -3.77 -0.48 -12.63
CA SER A 115 -3.57 0.80 -11.95
C SER A 115 -3.57 0.62 -10.45
N SER A 116 -4.47 -0.22 -9.92
CA SER A 116 -4.50 -0.48 -8.49
C SER A 116 -3.18 -1.06 -8.01
N ILE A 117 -2.60 -1.98 -8.79
CA ILE A 117 -1.32 -2.58 -8.42
C ILE A 117 -0.22 -1.53 -8.37
N PHE A 118 -0.19 -0.64 -9.37
CA PHE A 118 0.82 0.41 -9.38
C PHE A 118 0.67 1.34 -8.18
N SER A 119 -0.58 1.69 -7.83
CA SER A 119 -0.80 2.53 -6.66
C SER A 119 -0.36 1.83 -5.38
N LEU A 120 -0.70 0.55 -5.24
CA LEU A 120 -0.33 -0.18 -4.03
C LEU A 120 1.20 -0.29 -3.90
N LEU A 121 1.88 -0.54 -5.03
CA LEU A 121 3.33 -0.62 -5.00
C LEU A 121 3.94 0.74 -4.65
N ALA A 122 3.38 1.82 -5.21
CA ALA A 122 3.88 3.16 -4.92
C ALA A 122 3.71 3.49 -3.43
N ILE A 123 2.56 3.14 -2.85
CA ILE A 123 2.33 3.40 -1.44
C ILE A 123 3.37 2.68 -0.58
N ALA A 124 3.67 1.42 -0.93
CA ALA A 124 4.66 0.67 -0.17
C ALA A 124 6.03 1.33 -0.26
N ILE A 125 6.42 1.73 -1.48
CA ILE A 125 7.74 2.32 -1.66
C ILE A 125 7.82 3.66 -0.96
N ASP A 126 6.75 4.44 -1.01
CA ASP A 126 6.70 5.72 -0.31
C ASP A 126 6.93 5.55 1.18
N ARG A 127 6.25 4.58 1.79
CA ARG A 127 6.41 4.34 3.22
C ARG A 127 7.81 3.82 3.55
N TYR A 128 8.44 3.07 2.64
CA TYR A 128 9.81 2.62 2.88
C TYR A 128 10.78 3.79 2.86
N ILE A 129 10.61 4.70 1.91
CA ILE A 129 11.46 5.90 1.86
C ILE A 129 11.30 6.71 3.14
N ALA A 130 10.07 6.83 3.65
CA ALA A 130 9.83 7.63 4.84
C ALA A 130 10.51 7.03 6.06
N ILE A 131 10.56 5.70 6.17
CA ILE A 131 11.18 5.09 7.34
C ILE A 131 12.70 4.93 7.19
N ALA A 132 13.22 4.82 5.98
CA ALA A 132 14.63 4.48 5.81
C ALA A 132 15.51 5.71 5.62
N ILE A 133 14.99 6.74 4.96
CA ILE A 133 15.68 8.02 4.80
C ILE A 133 14.72 9.17 5.07
N PRO A 134 14.21 9.31 6.30
CA PRO A 134 13.22 10.38 6.58
C PRO A 134 13.77 11.79 6.37
N LEU A 135 15.09 11.97 6.43
CA LEU A 135 15.69 13.28 6.32
C LEU A 135 15.57 13.86 4.90
N ARG A 136 15.46 12.99 3.89
CA ARG A 136 15.38 13.41 2.49
C ARG A 136 14.04 13.05 1.87
N TYR A 137 13.08 12.55 2.65
CA TYR A 137 11.77 12.22 2.10
C TYR A 137 11.14 13.43 1.42
N ASN A 138 10.97 14.53 2.17
CA ASN A 138 10.22 15.67 1.64
C ASN A 138 10.90 16.28 0.42
N GLY A 139 12.22 16.21 0.35
CA GLY A 139 12.91 16.71 -0.83
C GLY A 139 12.88 15.72 -1.99
N LEU A 140 12.74 14.43 -1.70
CA LEU A 140 12.72 13.41 -2.73
C LEU A 140 11.32 13.16 -3.26
N VAL A 141 10.33 13.12 -2.37
CA VAL A 141 8.97 12.69 -2.68
C VAL A 141 8.09 13.93 -2.62
N THR A 142 7.75 14.48 -3.79
CA THR A 142 7.01 15.71 -3.91
C THR A 142 5.66 15.46 -4.56
N GLY A 143 4.74 16.40 -4.34
CA GLY A 143 3.41 16.27 -4.93
C GLY A 143 3.43 16.25 -6.44
N THR A 144 4.28 17.09 -7.05
CA THR A 144 4.37 17.14 -8.50
C THR A 144 4.93 15.86 -9.07
N ARG A 145 5.92 15.26 -8.41
CA ARG A 145 6.46 14.00 -8.87
C ARG A 145 5.45 12.87 -8.69
N ALA A 146 4.71 12.88 -7.58
CA ALA A 146 3.67 11.88 -7.40
C ALA A 146 2.63 11.97 -8.52
N ALA A 147 2.23 13.19 -8.87
CA ALA A 147 1.21 13.35 -9.91
C ALA A 147 1.73 12.88 -11.26
N GLY A 148 3.01 13.13 -11.55
CA GLY A 148 3.59 12.62 -12.77
C GLY A 148 3.68 11.10 -12.79
N ILE A 149 4.10 10.50 -11.68
CA ILE A 149 4.15 9.04 -11.58
C ILE A 149 2.77 8.44 -11.76
N ILE A 150 1.75 9.04 -11.12
CA ILE A 150 0.39 8.53 -11.26
C ILE A 150 -0.07 8.60 -12.71
N ALA A 151 0.24 9.70 -13.40
CA ALA A 151 -0.11 9.81 -14.82
C ALA A 151 0.57 8.71 -15.63
N ILE A 152 1.87 8.51 -15.40
CA ILE A 152 2.62 7.48 -16.11
C ILE A 152 2.03 6.11 -15.86
N CYS A 153 1.68 5.83 -14.60
CA CYS A 153 1.18 4.50 -14.25
C CYS A 153 -0.18 4.24 -14.90
N TRP A 154 -1.02 5.27 -15.03
CA TRP A 154 -2.30 5.10 -15.71
C TRP A 154 -2.09 4.79 -17.19
N VAL A 155 -1.11 5.46 -17.82
CA VAL A 155 -0.81 5.18 -19.22
C VAL A 155 -0.32 3.73 -19.37
N LEU A 156 0.58 3.30 -18.49
CA LEU A 156 1.07 1.93 -18.55
C LEU A 156 -0.02 0.92 -18.22
N SER A 157 -0.99 1.30 -17.38
CA SER A 157 -2.09 0.39 -17.06
C SER A 157 -2.97 0.14 -18.28
N PHE A 158 -3.18 1.18 -19.10
CA PHE A 158 -3.92 0.99 -20.34
C PHE A 158 -3.17 0.08 -21.30
N ALA A 159 -1.85 0.28 -21.41
CA ALA A 159 -1.06 -0.53 -22.33
C ALA A 159 -1.05 -2.00 -21.90
N ILE A 160 -0.88 -2.24 -20.61
CA ILE A 160 -0.89 -3.62 -20.11
C ILE A 160 -2.27 -4.24 -20.22
N GLY A 161 -3.29 -3.53 -19.74
CA GLY A 161 -4.63 -4.10 -19.69
C GLY A 161 -5.29 -4.27 -21.05
N LEU A 162 -4.94 -3.41 -22.01
CA LEU A 162 -5.49 -3.49 -23.36
C LEU A 162 -4.54 -4.16 -24.34
N THR A 163 -3.46 -4.78 -23.85
CA THR A 163 -2.57 -5.55 -24.72
C THR A 163 -3.29 -6.55 -25.62
N PRO A 164 -4.36 -7.25 -25.18
CA PRO A 164 -5.09 -8.10 -26.14
C PRO A 164 -5.62 -7.34 -27.35
N MET A 165 -5.92 -6.05 -27.21
N MET A 165 -5.92 -6.05 -27.21
CA MET A 165 -6.41 -5.27 -28.33
CA MET A 165 -6.41 -5.26 -28.34
C MET A 165 -5.34 -5.00 -29.37
C MET A 165 -5.32 -5.04 -29.38
N LEU A 166 -4.06 -5.19 -29.02
N LEU A 166 -4.05 -5.21 -29.02
CA LEU A 166 -2.98 -5.04 -29.99
CA LEU A 166 -2.96 -5.05 -29.97
C LEU A 166 -2.75 -6.29 -30.83
C LEU A 166 -2.74 -6.30 -30.82
N GLY A 167 -3.52 -7.35 -30.60
CA GLY A 167 -3.46 -8.54 -31.44
C GLY A 167 -3.35 -9.85 -30.69
N TRP A 168 -3.10 -9.81 -29.38
CA TRP A 168 -3.03 -11.02 -28.57
C TRP A 168 -4.45 -11.37 -28.11
N ASN A 169 -5.22 -11.93 -29.04
CA ASN A 169 -6.63 -12.19 -28.80
C ASN A 169 -7.09 -13.36 -29.65
N ASN A 170 -8.32 -13.82 -29.39
CA ASN A 170 -8.90 -14.92 -30.14
C ASN A 170 -9.89 -14.46 -31.20
N CYS A 171 -9.81 -13.21 -31.63
CA CYS A 171 -10.77 -12.73 -32.63
C CYS A 171 -10.52 -13.36 -33.98
N GLY A 172 -9.28 -13.80 -34.23
CA GLY A 172 -8.96 -14.51 -35.45
C GLY A 172 -9.57 -15.89 -35.54
N GLN A 173 -9.99 -16.47 -34.40
CA GLN A 173 -10.56 -17.82 -34.37
C GLN A 173 -11.92 -17.81 -33.70
N PRO A 174 -12.91 -17.13 -34.28
CA PRO A 174 -14.21 -17.04 -33.62
C PRO A 174 -14.88 -18.40 -33.51
N LYS A 175 -15.69 -18.56 -32.44
CA LYS A 175 -16.56 -19.72 -32.31
C LYS A 175 -17.78 -19.50 -33.19
N GLU A 176 -17.70 -19.98 -34.44
CA GLU A 176 -18.76 -19.71 -35.39
C GLU A 176 -20.05 -20.44 -35.04
N GLY A 177 -19.96 -21.64 -34.48
CA GLY A 177 -21.17 -22.36 -34.14
C GLY A 177 -21.97 -21.68 -33.04
N LYS A 178 -21.27 -21.10 -32.05
CA LYS A 178 -21.95 -20.35 -31.02
C LYS A 178 -22.54 -19.06 -31.57
N ALA A 179 -21.80 -18.40 -32.46
CA ALA A 179 -22.30 -17.19 -33.10
C ALA A 179 -23.54 -17.46 -33.95
N HIS A 180 -23.51 -18.54 -34.75
CA HIS A 180 -24.67 -18.85 -35.58
C HIS A 180 -25.87 -19.25 -34.74
N SER A 181 -25.64 -19.97 -33.64
CA SER A 181 -26.77 -20.41 -32.82
C SER A 181 -27.46 -19.24 -32.15
N GLN A 182 -26.73 -18.16 -31.87
N GLN A 182 -26.72 -18.17 -31.88
CA GLN A 182 -27.29 -16.97 -31.25
CA GLN A 182 -27.25 -16.96 -31.25
C GLN A 182 -27.75 -15.94 -32.28
C GLN A 182 -27.74 -15.94 -32.27
N GLY A 183 -27.69 -16.26 -33.57
CA GLY A 183 -28.13 -15.33 -34.58
C GLY A 183 -27.23 -14.14 -34.81
N CYS A 184 -25.96 -14.24 -34.44
CA CYS A 184 -25.03 -13.13 -34.60
C CYS A 184 -24.80 -12.81 -36.07
N GLY A 185 -24.48 -11.54 -36.34
CA GLY A 185 -24.22 -11.07 -37.67
C GLY A 185 -22.80 -11.37 -38.12
N GLU A 186 -22.50 -10.94 -39.35
CA GLU A 186 -21.18 -11.19 -39.91
C GLU A 186 -20.13 -10.35 -39.19
N GLY A 187 -18.99 -10.97 -38.89
CA GLY A 187 -17.98 -10.30 -38.11
C GLY A 187 -18.27 -10.21 -36.63
N GLN A 188 -19.36 -10.81 -36.15
CA GLN A 188 -19.71 -10.77 -34.74
C GLN A 188 -19.50 -12.13 -34.07
N VAL A 189 -19.27 -12.08 -32.77
CA VAL A 189 -19.15 -13.25 -31.92
C VAL A 189 -20.10 -13.10 -30.75
N ALA A 190 -20.42 -14.23 -30.12
CA ALA A 190 -21.01 -14.19 -28.79
C ALA A 190 -19.98 -13.63 -27.83
N CYS A 191 -20.30 -12.52 -27.17
CA CYS A 191 -19.30 -11.80 -26.38
C CYS A 191 -19.17 -12.47 -25.01
N LEU A 192 -18.15 -13.31 -24.89
CA LEU A 192 -17.84 -14.04 -23.68
C LEU A 192 -16.36 -13.88 -23.37
N PHE A 193 -16.04 -13.60 -22.09
CA PHE A 193 -14.67 -13.28 -21.71
C PHE A 193 -13.68 -14.32 -22.23
N GLU A 194 -13.93 -15.60 -21.92
CA GLU A 194 -12.96 -16.63 -22.26
C GLU A 194 -12.98 -16.99 -23.74
N ASP A 195 -13.95 -16.50 -24.50
CA ASP A 195 -13.92 -16.72 -25.95
C ASP A 195 -13.02 -15.72 -26.67
N VAL A 196 -12.82 -14.54 -26.10
CA VAL A 196 -12.05 -13.50 -26.79
C VAL A 196 -10.69 -13.23 -26.15
N VAL A 197 -10.56 -13.39 -24.83
CA VAL A 197 -9.30 -13.13 -24.14
C VAL A 197 -8.52 -14.43 -24.05
N PRO A 198 -7.29 -14.48 -24.57
CA PRO A 198 -6.53 -15.74 -24.52
C PRO A 198 -6.16 -16.10 -23.09
N MET A 199 -6.21 -17.39 -22.78
CA MET A 199 -5.91 -17.83 -21.43
C MET A 199 -4.42 -17.74 -21.12
N ASN A 200 -3.56 -17.85 -22.14
CA ASN A 200 -2.13 -17.71 -21.90
C ASN A 200 -1.78 -16.26 -21.55
N TYR A 201 -2.47 -15.30 -22.16
CA TYR A 201 -2.35 -13.92 -21.70
C TYR A 201 -2.74 -13.79 -20.24
N MET A 202 -3.90 -14.33 -19.86
CA MET A 202 -4.39 -14.14 -18.49
C MET A 202 -3.47 -14.78 -17.47
N VAL A 203 -2.88 -15.91 -17.79
CA VAL A 203 -2.04 -16.62 -16.82
C VAL A 203 -0.61 -16.12 -16.83
N TYR A 204 0.06 -16.13 -17.99
CA TYR A 204 1.48 -15.81 -18.01
C TYR A 204 1.73 -14.31 -17.95
N PHE A 205 0.97 -13.54 -18.73
CA PHE A 205 1.24 -12.11 -18.84
C PHE A 205 0.54 -11.33 -17.73
N ASN A 206 -0.78 -11.47 -17.63
CA ASN A 206 -1.52 -10.68 -16.65
C ASN A 206 -1.24 -11.15 -15.23
N PHE A 207 -1.42 -12.44 -14.96
CA PHE A 207 -1.30 -12.93 -13.59
C PHE A 207 0.16 -12.97 -13.14
N PHE A 208 0.96 -13.83 -13.79
CA PHE A 208 2.32 -14.06 -13.30
C PHE A 208 3.15 -12.79 -13.37
N ALA A 209 3.23 -12.17 -14.55
CA ALA A 209 4.14 -11.04 -14.74
C ALA A 209 3.61 -9.77 -14.11
N CYS A 210 2.33 -9.46 -14.34
CA CYS A 210 1.80 -8.14 -14.02
C CYS A 210 1.10 -8.06 -12.66
N VAL A 211 0.79 -9.20 -12.04
CA VAL A 211 0.07 -9.19 -10.77
C VAL A 211 0.92 -9.88 -9.69
N LEU A 212 1.33 -11.12 -9.94
N LEU A 212 1.31 -11.12 -9.95
CA LEU A 212 2.05 -11.88 -8.94
CA LEU A 212 2.06 -11.89 -8.95
C LEU A 212 3.40 -11.25 -8.61
C LEU A 212 3.38 -11.24 -8.62
N VAL A 213 4.16 -10.88 -9.65
CA VAL A 213 5.47 -10.27 -9.41
C VAL A 213 5.38 -8.96 -8.65
N PRO A 214 4.51 -8.01 -9.01
CA PRO A 214 4.38 -6.79 -8.19
C PRO A 214 3.93 -7.07 -6.76
N LEU A 215 3.00 -8.02 -6.55
CA LEU A 215 2.59 -8.34 -5.18
C LEU A 215 3.75 -8.90 -4.38
N LEU A 216 4.56 -9.76 -4.98
CA LEU A 216 5.73 -10.28 -4.29
C LEU A 216 6.75 -9.18 -3.99
N LEU A 217 6.92 -8.24 -4.93
CA LEU A 217 7.77 -7.07 -4.67
C LEU A 217 7.23 -6.26 -3.49
N MET A 218 5.91 -6.06 -3.44
CA MET A 218 5.30 -5.38 -2.31
C MET A 218 5.63 -6.07 -0.99
N LEU A 219 5.49 -7.41 -0.98
CA LEU A 219 5.82 -8.18 0.21
C LEU A 219 7.26 -7.92 0.65
N GLY A 220 8.19 -7.92 -0.31
CA GLY A 220 9.57 -7.64 0.02
C GLY A 220 9.78 -6.24 0.58
N VAL A 221 9.11 -5.25 0.00
CA VAL A 221 9.19 -3.88 0.52
C VAL A 221 8.65 -3.80 1.94
N TYR A 222 7.49 -4.41 2.19
CA TYR A 222 6.92 -4.38 3.52
C TYR A 222 7.81 -5.09 4.53
N LEU A 223 8.39 -6.23 4.14
CA LEU A 223 9.35 -6.88 5.01
C LEU A 223 10.53 -5.97 5.35
N ARG A 224 11.07 -5.25 4.37
CA ARG A 224 12.16 -4.32 4.67
C ARG A 224 11.67 -3.18 5.56
N ILE A 225 10.45 -2.70 5.34
CA ILE A 225 9.92 -1.62 6.19
C ILE A 225 9.88 -2.05 7.65
N PHE A 226 9.27 -3.22 7.92
CA PHE A 226 9.11 -3.66 9.29
C PHE A 226 10.45 -4.03 9.92
N ALA A 227 11.38 -4.58 9.13
CA ALA A 227 12.72 -4.85 9.66
C ALA A 227 13.46 -3.55 9.98
N ALA A 228 13.29 -2.53 9.14
CA ALA A 228 13.92 -1.25 9.40
C ALA A 228 13.33 -0.60 10.66
N ALA A 229 12.00 -0.67 10.81
CA ALA A 229 11.37 -0.16 12.02
C ALA A 229 11.86 -0.87 13.27
N ARG A 230 11.99 -2.20 13.21
N ARG A 230 12.00 -2.19 13.21
CA ARG A 230 12.44 -2.94 14.39
CA ARG A 230 12.43 -2.96 14.37
C ARG A 230 13.89 -2.62 14.73
C ARG A 230 13.89 -2.63 14.73
N ARG A 231 14.74 -2.45 13.72
CA ARG A 231 16.13 -2.12 13.98
C ARG A 231 16.26 -0.73 14.59
N GLN A 232 15.48 0.24 14.09
CA GLN A 232 15.61 1.60 14.58
C GLN A 232 15.07 1.71 16.00
N LEU A 233 13.99 0.99 16.31
CA LEU A 233 13.47 0.97 17.67
C LEU A 233 14.45 0.31 18.62
N ALA A 234 15.04 -0.81 18.21
CA ALA A 234 16.06 -1.46 19.03
C ALA A 234 17.26 -0.55 19.27
N ASP A 235 17.68 0.18 18.24
CA ASP A 235 18.81 1.10 18.40
C ASP A 235 18.51 2.24 19.37
N LEU A 236 17.28 2.76 19.36
CA LEU A 236 16.92 3.81 20.31
C LEU A 236 16.99 3.32 21.76
N GLU A 237 16.40 2.16 22.04
CA GLU A 237 16.42 1.66 23.41
C GLU A 237 17.82 1.24 23.81
N ASP A 238 18.58 0.71 22.85
CA ASP A 238 19.96 0.30 23.07
C ASP A 238 20.84 1.50 23.37
N ASN A 239 20.61 2.62 22.67
CA ASN A 239 21.40 3.83 22.93
C ASN A 239 21.05 4.42 24.29
N TRP A 240 19.79 4.28 24.72
CA TRP A 240 19.37 4.68 26.05
C TRP A 240 20.06 3.85 27.12
N GLU A 241 20.12 2.54 26.90
CA GLU A 241 20.78 1.66 27.83
C GLU A 241 22.28 1.95 27.92
N THR A 242 22.95 2.16 26.78
CA THR A 242 24.37 2.50 26.78
C THR A 242 24.67 3.77 27.55
N LEU A 243 23.83 4.80 27.40
CA LEU A 243 24.01 6.05 28.12
C LEU A 243 23.94 5.83 29.63
N ASN A 244 22.90 5.10 30.07
CA ASN A 244 22.67 4.91 31.51
C ASN A 244 23.69 3.94 32.11
N ASP A 245 24.09 2.93 31.35
CA ASP A 245 25.14 2.03 31.81
C ASP A 245 26.41 2.82 32.09
N ASN A 246 26.80 3.68 31.15
CA ASN A 246 28.06 4.41 31.29
C ASN A 246 28.04 5.40 32.46
N LEU A 247 26.87 5.96 32.81
CA LEU A 247 26.80 6.75 34.04
C LEU A 247 27.15 5.92 35.27
N LYS A 248 26.65 4.68 35.33
CA LYS A 248 27.00 3.83 36.46
C LYS A 248 28.49 3.53 36.46
N VAL A 249 29.08 3.31 35.29
CA VAL A 249 30.51 3.08 35.21
C VAL A 249 31.27 4.26 35.80
N ILE A 250 30.85 5.49 35.48
CA ILE A 250 31.52 6.68 35.99
C ILE A 250 31.38 6.76 37.50
N GLU A 251 30.17 6.46 38.01
CA GLU A 251 29.90 6.54 39.44
C GLU A 251 30.78 5.60 40.25
N LYS A 252 30.97 4.39 39.77
CA LYS A 252 31.76 3.38 40.49
C LYS A 252 33.16 3.22 39.92
N ALA A 253 33.63 4.19 39.14
CA ALA A 253 35.02 4.25 38.70
C ALA A 253 35.94 4.58 39.87
N ASP A 254 37.20 4.16 39.76
CA ASP A 254 38.17 4.44 40.83
C ASP A 254 39.38 5.27 40.41
N ASN A 255 39.49 5.67 39.13
CA ASN A 255 40.53 6.60 38.72
C ASN A 255 39.94 7.47 37.62
N ALA A 256 40.66 8.55 37.30
CA ALA A 256 40.16 9.48 36.31
C ALA A 256 40.12 8.85 34.92
N ALA A 257 41.01 7.89 34.65
CA ALA A 257 41.06 7.28 33.32
C ALA A 257 39.80 6.45 33.02
N GLN A 258 39.23 5.78 34.04
CA GLN A 258 37.99 5.05 33.80
C GLN A 258 36.85 6.01 33.48
N VAL A 259 36.79 7.13 34.19
CA VAL A 259 35.81 8.16 33.89
C VAL A 259 36.00 8.66 32.46
N LYS A 260 37.25 8.88 32.04
CA LYS A 260 37.51 9.36 30.70
C LYS A 260 37.01 8.37 29.65
N ASP A 261 37.30 7.08 29.85
CA ASP A 261 36.87 6.05 28.90
C ASP A 261 35.37 6.09 28.70
N ALA A 262 34.60 6.11 29.79
CA ALA A 262 33.15 6.09 29.67
C ALA A 262 32.60 7.38 29.07
N LEU A 263 33.22 8.52 29.41
CA LEU A 263 32.72 9.79 28.88
C LEU A 263 32.98 9.89 27.39
N THR A 264 34.13 9.37 26.93
CA THR A 264 34.42 9.33 25.50
C THR A 264 33.37 8.53 24.76
N LYS A 265 32.91 7.41 25.35
CA LYS A 265 31.86 6.63 24.72
C LYS A 265 30.53 7.35 24.78
N MET A 266 30.28 8.12 25.85
CA MET A 266 29.07 8.91 25.94
C MET A 266 29.08 10.04 24.93
N ARG A 267 30.23 10.68 24.71
CA ARG A 267 30.29 11.84 23.82
C ARG A 267 30.05 11.45 22.37
N ALA A 268 30.70 10.39 21.90
CA ALA A 268 30.47 9.90 20.54
C ALA A 268 29.03 9.44 20.33
N ALA A 269 28.40 8.86 21.36
CA ALA A 269 27.01 8.44 21.22
C ALA A 269 26.08 9.65 21.21
N ALA A 270 26.39 10.66 22.02
CA ALA A 270 25.56 11.86 22.06
C ALA A 270 25.53 12.57 20.72
N LEU A 271 26.70 12.73 20.09
CA LEU A 271 26.71 13.31 18.76
C LEU A 271 26.02 12.41 17.73
N ASP A 272 26.13 11.09 17.92
CA ASP A 272 25.47 10.14 17.03
C ASP A 272 23.95 10.16 17.20
N ALA A 273 23.48 10.36 18.43
CA ALA A 273 22.06 10.48 18.73
C ALA A 273 21.47 11.83 18.38
N GLN A 274 22.30 12.86 18.16
CA GLN A 274 21.73 14.14 17.76
C GLN A 274 21.34 14.16 16.30
N LYS A 275 22.04 13.40 15.46
CA LYS A 275 21.72 13.31 14.03
C LYS A 275 20.38 12.63 13.75
N MET A 291 11.86 21.06 18.55
CA MET A 291 13.16 20.86 17.94
C MET A 291 14.21 21.78 18.54
N LYS A 292 13.76 22.95 19.02
CA LYS A 292 14.68 23.90 19.64
C LYS A 292 15.11 23.41 21.03
N ASP A 293 14.16 22.90 21.81
CA ASP A 293 14.49 22.28 23.09
C ASP A 293 15.17 20.93 22.90
N PHE A 294 14.89 20.25 21.79
CA PHE A 294 15.68 19.08 21.42
C PHE A 294 17.14 19.48 21.22
N ARG A 295 17.38 20.49 20.39
CA ARG A 295 18.75 20.92 20.14
C ARG A 295 19.38 21.46 21.41
N HIS A 296 18.61 22.19 22.21
CA HIS A 296 19.11 22.73 23.47
C HIS A 296 19.51 21.60 24.41
N GLY A 297 18.67 20.56 24.53
CA GLY A 297 18.98 19.45 25.39
C GLY A 297 20.29 18.76 25.04
N PHE A 298 20.52 18.53 23.75
CA PHE A 298 21.76 17.89 23.34
C PHE A 298 22.95 18.84 23.46
N ASP A 299 22.72 20.15 23.31
CA ASP A 299 23.81 21.10 23.54
C ASP A 299 24.27 21.07 24.99
N ILE A 300 23.31 21.04 25.93
CA ILE A 300 23.66 20.88 27.33
C ILE A 300 24.38 19.56 27.55
N LEU A 301 23.86 18.48 26.96
CA LEU A 301 24.40 17.14 27.21
C LEU A 301 25.85 17.04 26.77
N VAL A 302 26.13 17.43 25.52
CA VAL A 302 27.49 17.37 25.00
C VAL A 302 28.41 18.31 25.78
N GLY A 303 27.91 19.50 26.12
CA GLY A 303 28.71 20.42 26.91
C GLY A 303 29.05 19.88 28.29
N GLN A 304 28.07 19.23 28.94
CA GLN A 304 28.33 18.68 30.27
C GLN A 304 29.27 17.48 30.20
N ILE A 305 29.25 16.73 29.09
CA ILE A 305 30.22 15.65 28.89
C ILE A 305 31.61 16.22 28.69
N ASP A 306 31.74 17.29 27.89
CA ASP A 306 33.04 17.93 27.71
C ASP A 306 33.55 18.48 29.03
N ASP A 307 32.67 19.08 29.83
CA ASP A 307 33.07 19.59 31.14
C ASP A 307 33.68 18.48 31.98
N ALA A 308 33.01 17.33 32.06
CA ALA A 308 33.51 16.23 32.88
C ALA A 308 34.78 15.63 32.29
N LEU A 309 34.87 15.56 30.96
CA LEU A 309 36.05 14.99 30.33
C LEU A 309 37.27 15.85 30.60
N LYS A 310 37.10 17.17 30.66
CA LYS A 310 38.23 18.05 30.95
C LYS A 310 38.73 17.82 32.37
N LEU A 311 37.82 17.66 33.33
CA LEU A 311 38.23 17.36 34.70
C LEU A 311 38.90 16.00 34.79
N ALA A 312 38.35 15.01 34.09
CA ALA A 312 38.95 13.68 34.06
C ALA A 312 40.40 13.75 33.58
N ASN A 313 40.64 14.48 32.48
CA ASN A 313 41.99 14.57 31.93
C ASN A 313 42.95 15.30 32.87
N GLU A 314 42.44 16.12 33.79
CA GLU A 314 43.27 16.71 34.84
C GLU A 314 43.45 15.79 36.04
N GLY A 315 42.92 14.57 35.99
CA GLY A 315 43.05 13.66 37.12
C GLY A 315 42.19 14.00 38.31
N LYS A 316 41.14 14.80 38.11
CA LYS A 316 40.23 15.17 39.19
C LYS A 316 39.01 14.26 39.12
N VAL A 317 39.14 13.10 39.75
CA VAL A 317 38.13 12.05 39.61
C VAL A 317 36.83 12.48 40.28
N LYS A 318 36.88 12.82 41.57
CA LYS A 318 35.67 13.23 42.29
C LYS A 318 34.92 14.36 41.58
N GLU A 319 35.63 15.39 41.10
CA GLU A 319 34.92 16.47 40.40
C GLU A 319 34.30 15.97 39.10
N ALA A 320 34.97 15.05 38.42
CA ALA A 320 34.42 14.50 37.18
C ALA A 320 33.19 13.67 37.45
N GLN A 321 33.20 12.86 38.51
CA GLN A 321 32.01 12.08 38.83
C GLN A 321 30.86 12.99 39.24
N ALA A 322 31.15 14.06 39.98
CA ALA A 322 30.12 15.03 40.33
C ALA A 322 29.61 15.77 39.09
N ALA A 323 30.52 16.20 38.21
CA ALA A 323 30.11 16.82 36.95
C ALA A 323 29.23 15.90 36.12
N ALA A 324 29.53 14.60 36.13
CA ALA A 324 28.78 13.66 35.30
C ALA A 324 27.38 13.40 35.86
N GLU A 325 27.21 13.55 37.17
CA GLU A 325 25.89 13.41 37.77
C GLU A 325 24.92 14.46 37.26
N GLN A 326 25.42 15.62 36.86
CA GLN A 326 24.57 16.66 36.27
C GLN A 326 23.87 16.17 35.01
N LEU A 327 24.51 15.25 34.27
CA LEU A 327 23.94 14.69 33.05
C LEU A 327 22.55 14.12 33.29
N LYS A 328 22.29 13.66 34.52
CA LYS A 328 21.02 13.02 34.84
C LYS A 328 19.87 14.01 34.78
N THR A 329 20.11 15.25 35.25
CA THR A 329 19.10 16.30 35.12
C THR A 329 18.76 16.56 33.67
N THR A 330 19.78 16.61 32.81
CA THR A 330 19.56 16.80 31.37
C THR A 330 18.85 15.60 30.76
N ARG A 331 19.23 14.39 31.19
CA ARG A 331 18.60 13.17 30.71
C ARG A 331 17.10 13.16 31.03
N ASN A 332 16.73 13.55 32.25
CA ASN A 332 15.33 13.51 32.65
C ASN A 332 14.53 14.59 31.93
N ALA A 333 15.05 15.82 31.88
CA ALA A 333 14.32 16.96 31.36
C ALA A 333 14.25 16.97 29.83
N TYR A 334 15.24 16.38 29.16
CA TYR A 334 15.36 16.47 27.70
C TYR A 334 15.43 15.11 27.03
N ILE A 335 16.44 14.29 27.35
CA ILE A 335 16.74 13.12 26.52
C ILE A 335 15.57 12.14 26.50
N GLN A 336 14.92 11.95 27.66
CA GLN A 336 13.80 11.00 27.70
C GLN A 336 12.64 11.48 26.83
N LYS A 337 12.42 12.79 26.76
CA LYS A 337 11.37 13.32 25.88
C LYS A 337 11.68 13.05 24.41
N TYR A 338 12.94 13.23 24.00
CA TYR A 338 13.30 12.92 22.62
C TYR A 338 13.14 11.44 22.30
N LEU A 339 13.65 10.58 23.18
CA LEU A 339 13.49 9.13 22.99
C LEU A 339 12.03 8.72 22.85
N GLU A 340 11.18 9.22 23.75
CA GLU A 340 9.77 8.84 23.71
C GLU A 340 9.09 9.37 22.46
N ARG A 341 9.46 10.58 22.01
CA ARG A 341 8.85 11.10 20.80
C ARG A 341 9.33 10.32 19.59
N ALA A 342 10.61 9.95 19.56
CA ALA A 342 11.12 9.12 18.47
C ALA A 342 10.42 7.77 18.46
N ARG A 343 10.26 7.15 19.64
CA ARG A 343 9.52 5.91 19.74
C ARG A 343 8.09 6.06 19.25
N SER A 344 7.42 7.15 19.63
CA SER A 344 6.04 7.34 19.22
C SER A 344 5.91 7.55 17.72
N THR A 345 6.88 8.24 17.11
CA THR A 345 6.87 8.43 15.67
C THR A 345 7.10 7.12 14.93
N LEU A 346 8.07 6.31 15.37
CA LEU A 346 8.32 5.02 14.74
C LEU A 346 7.10 4.10 14.85
N GLN A 347 6.45 4.08 16.02
CA GLN A 347 5.30 3.21 16.21
C GLN A 347 4.13 3.62 15.32
N LYS A 348 3.95 4.92 15.07
CA LYS A 348 2.91 5.36 14.14
C LYS A 348 3.26 4.96 12.71
N GLU A 349 4.55 4.98 12.38
CA GLU A 349 4.99 4.52 11.06
C GLU A 349 4.72 3.03 10.91
N VAL A 350 4.97 2.25 11.96
CA VAL A 350 4.59 0.84 11.91
C VAL A 350 3.09 0.73 11.68
N HIS A 351 2.30 1.55 12.38
CA HIS A 351 0.85 1.50 12.24
C HIS A 351 0.38 1.86 10.84
N ALA A 352 1.00 2.87 10.22
CA ALA A 352 0.60 3.23 8.87
C ALA A 352 1.02 2.17 7.86
N ALA A 353 2.21 1.58 8.05
CA ALA A 353 2.64 0.52 7.15
C ALA A 353 1.80 -0.73 7.30
N LYS A 354 1.36 -1.06 8.52
CA LYS A 354 0.46 -2.20 8.69
C LYS A 354 -0.87 -1.97 7.99
N SER A 355 -1.43 -0.77 8.11
CA SER A 355 -2.68 -0.46 7.44
C SER A 355 -2.56 -0.59 5.93
N ALA A 356 -1.48 -0.04 5.36
CA ALA A 356 -1.26 -0.16 3.92
C ALA A 356 -1.07 -1.62 3.49
N ALA A 357 -0.35 -2.40 4.30
CA ALA A 357 -0.13 -3.81 3.96
C ALA A 357 -1.43 -4.60 4.01
N ILE A 358 -2.33 -4.27 4.95
CA ILE A 358 -3.64 -4.93 5.00
C ILE A 358 -4.40 -4.71 3.71
N ILE A 359 -4.32 -3.50 3.16
CA ILE A 359 -5.05 -3.19 1.93
C ILE A 359 -4.42 -3.93 0.75
N ALA A 360 -3.09 -4.01 0.71
CA ALA A 360 -2.44 -4.81 -0.32
C ALA A 360 -2.80 -6.28 -0.18
N GLY A 361 -2.88 -6.77 1.07
CA GLY A 361 -3.25 -8.16 1.28
C GLY A 361 -4.68 -8.46 0.90
N LEU A 362 -5.58 -7.51 1.14
CA LEU A 362 -6.98 -7.70 0.76
C LEU A 362 -7.16 -7.70 -0.76
N PHE A 363 -6.37 -6.89 -1.47
CA PHE A 363 -6.37 -6.97 -2.93
C PHE A 363 -6.00 -8.37 -3.39
N ALA A 364 -4.93 -8.91 -2.81
CA ALA A 364 -4.50 -10.26 -3.18
C ALA A 364 -5.57 -11.29 -2.83
N LEU A 365 -6.19 -11.16 -1.65
CA LEU A 365 -7.19 -12.12 -1.22
C LEU A 365 -8.41 -12.10 -2.14
N CYS A 366 -8.80 -10.92 -2.60
CA CYS A 366 -10.00 -10.81 -3.42
C CYS A 366 -9.75 -11.23 -4.87
N TRP A 367 -8.54 -11.03 -5.38
CA TRP A 367 -8.24 -11.33 -6.78
C TRP A 367 -7.64 -12.71 -7.01
N LEU A 368 -6.97 -13.29 -6.02
CA LEU A 368 -6.31 -14.57 -6.25
C LEU A 368 -7.25 -15.69 -6.66
N PRO A 369 -8.46 -15.82 -6.10
CA PRO A 369 -9.32 -16.96 -6.52
C PRO A 369 -9.59 -16.99 -8.01
N LEU A 370 -9.93 -15.85 -8.61
CA LEU A 370 -10.19 -15.81 -10.05
C LEU A 370 -8.95 -16.18 -10.84
N HIS A 371 -7.79 -15.64 -10.44
CA HIS A 371 -6.54 -15.99 -11.12
C HIS A 371 -6.22 -17.47 -10.98
N ILE A 372 -6.40 -18.01 -9.77
CA ILE A 372 -6.13 -19.43 -9.54
C ILE A 372 -7.04 -20.30 -10.39
N ILE A 373 -8.33 -19.95 -10.47
CA ILE A 373 -9.25 -20.68 -11.34
C ILE A 373 -8.76 -20.66 -12.78
N ASN A 374 -8.33 -19.49 -13.27
CA ASN A 374 -7.78 -19.41 -14.62
C ASN A 374 -6.58 -20.34 -14.78
N CYS A 375 -5.77 -20.49 -13.72
CA CYS A 375 -4.62 -21.40 -13.80
C CYS A 375 -5.08 -22.84 -13.96
N PHE A 376 -6.14 -23.24 -13.24
CA PHE A 376 -6.67 -24.58 -13.41
C PHE A 376 -7.20 -24.79 -14.82
N THR A 377 -7.93 -23.80 -15.35
CA THR A 377 -8.47 -23.92 -16.70
C THR A 377 -7.35 -24.09 -17.72
N PHE A 378 -6.27 -23.34 -17.53
CA PHE A 378 -5.17 -23.29 -18.50
C PHE A 378 -4.26 -24.50 -18.37
N PHE A 379 -3.81 -24.79 -17.14
CA PHE A 379 -2.80 -25.81 -16.91
C PHE A 379 -3.38 -27.23 -16.81
N CYS A 380 -4.69 -27.36 -16.57
CA CYS A 380 -5.32 -28.67 -16.42
C CYS A 380 -6.46 -28.84 -17.41
N PRO A 381 -6.14 -29.02 -18.70
CA PRO A 381 -7.20 -29.26 -19.69
C PRO A 381 -7.89 -30.59 -19.50
N ASP A 382 -7.31 -31.48 -18.69
CA ASP A 382 -7.96 -32.72 -18.28
C ASP A 382 -8.93 -32.53 -17.14
N CYS A 383 -8.92 -31.36 -16.49
CA CYS A 383 -9.85 -31.04 -15.43
C CYS A 383 -11.12 -30.45 -16.01
N SER A 384 -12.26 -30.79 -15.41
CA SER A 384 -13.50 -30.13 -15.78
C SER A 384 -13.42 -28.65 -15.44
N HIS A 385 -13.99 -27.82 -16.30
CA HIS A 385 -13.98 -26.38 -16.05
C HIS A 385 -14.71 -26.08 -14.75
N ALA A 386 -14.17 -25.14 -13.98
CA ALA A 386 -14.86 -24.62 -12.81
C ALA A 386 -16.31 -24.30 -13.16
N PRO A 387 -17.27 -24.65 -12.32
CA PRO A 387 -18.68 -24.43 -12.65
C PRO A 387 -19.00 -22.95 -12.71
N LEU A 388 -20.09 -22.64 -13.42
CA LEU A 388 -20.45 -21.25 -13.68
C LEU A 388 -20.73 -20.50 -12.39
N TRP A 389 -21.36 -21.15 -11.41
CA TRP A 389 -21.66 -20.48 -10.15
C TRP A 389 -20.39 -20.08 -9.43
N LEU A 390 -19.33 -20.88 -9.55
CA LEU A 390 -18.06 -20.56 -8.90
C LEU A 390 -17.34 -19.46 -9.65
N MET A 391 -17.44 -19.46 -10.97
CA MET A 391 -16.93 -18.36 -11.78
C MET A 391 -17.54 -17.04 -11.31
N TYR A 392 -18.85 -17.02 -11.08
CA TYR A 392 -19.49 -15.76 -10.75
C TYR A 392 -19.19 -15.35 -9.32
N LEU A 393 -19.00 -16.32 -8.42
CA LEU A 393 -18.53 -16.01 -7.08
C LEU A 393 -17.14 -15.39 -7.10
N ALA A 394 -16.25 -15.93 -7.94
CA ALA A 394 -14.90 -15.39 -8.02
C ALA A 394 -14.88 -14.00 -8.64
N ILE A 395 -15.78 -13.75 -9.60
CA ILE A 395 -15.87 -12.42 -10.20
C ILE A 395 -16.37 -11.40 -9.19
N VAL A 396 -17.47 -11.70 -8.50
CA VAL A 396 -18.00 -10.75 -7.53
C VAL A 396 -17.02 -10.52 -6.39
N LEU A 397 -16.28 -11.57 -6.00
CA LEU A 397 -15.27 -11.41 -4.95
CA LEU A 397 -15.27 -11.41 -4.95
C LEU A 397 -14.20 -10.41 -5.37
N SER A 398 -13.73 -10.51 -6.61
CA SER A 398 -12.74 -9.55 -7.10
C SER A 398 -13.32 -8.14 -7.13
N HIS A 399 -14.63 -8.02 -7.40
CA HIS A 399 -15.27 -6.70 -7.39
C HIS A 399 -15.45 -6.17 -5.98
N THR A 400 -15.61 -7.07 -5.00
N THR A 400 -15.62 -7.06 -4.99
CA THR A 400 -15.76 -6.66 -3.61
CA THR A 400 -15.78 -6.59 -3.61
C THR A 400 -14.55 -5.90 -3.10
C THR A 400 -14.54 -5.89 -3.09
N ASN A 401 -13.38 -6.11 -3.71
CA ASN A 401 -12.18 -5.39 -3.29
C ASN A 401 -12.33 -3.88 -3.47
N SER A 402 -13.14 -3.45 -4.44
CA SER A 402 -13.35 -2.03 -4.62
C SER A 402 -14.24 -1.42 -3.55
N VAL A 403 -14.78 -2.23 -2.65
CA VAL A 403 -15.62 -1.75 -1.56
C VAL A 403 -14.81 -1.57 -0.27
N VAL A 404 -13.74 -2.36 -0.11
CA VAL A 404 -13.22 -2.60 1.23
C VAL A 404 -12.28 -1.50 1.72
N ASN A 405 -11.52 -0.85 0.84
CA ASN A 405 -10.54 0.12 1.31
C ASN A 405 -11.13 1.25 2.16
N PRO A 406 -12.25 1.89 1.79
CA PRO A 406 -12.82 2.91 2.67
C PRO A 406 -13.06 2.45 4.10
N PHE A 407 -13.41 1.18 4.29
CA PHE A 407 -13.60 0.66 5.65
C PHE A 407 -12.27 0.53 6.38
N ILE A 408 -11.22 0.10 5.68
CA ILE A 408 -9.91 -0.02 6.30
C ILE A 408 -9.42 1.35 6.75
N TYR A 409 -9.61 2.38 5.91
CA TYR A 409 -9.20 3.72 6.32
C TYR A 409 -10.00 4.21 7.52
N ALA A 410 -11.31 3.92 7.53
CA ALA A 410 -12.15 4.39 8.63
C ALA A 410 -11.76 3.74 9.95
N TYR A 411 -11.50 2.42 9.95
CA TYR A 411 -11.19 1.74 11.19
C TYR A 411 -9.75 1.91 11.64
N ARG A 412 -8.83 2.26 10.73
CA ARG A 412 -7.42 2.22 11.06
C ARG A 412 -6.73 3.57 11.04
N ILE A 413 -7.33 4.61 10.44
CA ILE A 413 -6.68 5.91 10.28
C ILE A 413 -7.64 6.95 10.85
N ARG A 414 -7.31 7.44 12.06
CA ARG A 414 -8.17 8.40 12.76
C ARG A 414 -8.50 9.62 11.91
N GLU A 415 -7.51 10.17 11.19
CA GLU A 415 -7.75 11.39 10.43
C GLU A 415 -8.81 11.16 9.34
N PHE A 416 -8.82 9.97 8.75
CA PHE A 416 -9.89 9.62 7.81
C PHE A 416 -11.22 9.46 8.54
N ARG A 417 -11.23 8.65 9.61
CA ARG A 417 -12.45 8.37 10.35
C ARG A 417 -13.14 9.65 10.80
N GLN A 418 -12.36 10.62 11.27
CA GLN A 418 -12.92 11.87 11.74
C GLN A 418 -13.45 12.70 10.58
N THR A 419 -12.75 12.67 9.43
CA THR A 419 -13.21 13.42 8.27
C THR A 419 -14.47 12.77 7.68
N PHE A 420 -14.50 11.43 7.63
CA PHE A 420 -15.72 10.73 7.24
C PHE A 420 -16.89 11.17 8.11
N ARG A 421 -16.67 11.25 9.43
CA ARG A 421 -17.73 11.63 10.35
C ARG A 421 -18.26 13.02 10.03
N LYS A 422 -17.36 14.01 9.88
CA LYS A 422 -17.79 15.38 9.64
C LYS A 422 -18.53 15.50 8.31
N ILE A 423 -18.08 14.80 7.28
CA ILE A 423 -18.76 14.88 5.99
C ILE A 423 -20.17 14.32 6.10
N ILE A 424 -20.33 13.15 6.72
CA ILE A 424 -21.64 12.54 6.82
C ILE A 424 -22.57 13.36 7.71
N ARG A 425 -22.11 13.71 8.92
CA ARG A 425 -22.93 14.47 9.86
C ARG A 425 -23.35 15.82 9.30
N SER A 426 -22.40 16.63 8.84
CA SER A 426 -22.68 17.94 8.26
C SER A 426 -23.35 17.92 6.91
N HIS A 427 -23.71 16.76 6.35
CA HIS A 427 -24.33 16.76 5.03
C HIS A 427 -25.40 15.68 4.91
N VAL A 428 -24.98 14.43 4.80
CA VAL A 428 -25.89 13.30 4.63
C VAL A 428 -26.96 13.24 5.71
C1 A1H3J B . -10.35 -10.77 -15.20
C2 A1H3J B . -11.50 -12.85 -15.77
O2 A1H3J B . -20.68 -17.69 -18.87
C3 A1H3J B . -12.74 -13.47 -16.09
O3 A1H3J B . -12.82 -9.65 -14.91
C4 A1H3J B . -14.39 -14.82 -16.72
C5 A1H3J B . -15.10 -15.97 -17.22
C7 A1H3J B . -17.25 -17.19 -17.59
C6 A1H3J B . -16.40 -16.17 -17.00
N A1H3J B . -11.61 -11.51 -15.40
C A1H3J B . -9.71 -10.99 -13.85
O A1H3J B . -10.39 -13.39 -15.80
C10 A1H3J B . -18.86 -19.16 -18.76
C11 A1H3J B . -19.23 -21.35 -19.62
C12 A1H3J B . -19.37 -17.88 -18.50
C13 A1H3J B . -21.25 -16.41 -18.63
C14 A1H3J B . -18.57 -16.91 -17.93
C15 A1H3J B . -13.94 -12.83 -16.02
C16 A1H3J B . -15.23 -10.79 -15.50
C17 A1H3J B . -15.68 -10.23 -16.82
C18 A1H3J B . -12.79 -10.81 -15.28
C8 A1H3J B . -16.75 -18.48 -17.83
C9 A1H3J B . -17.54 -19.45 -18.42
N1 A1H3J B . -13.03 -14.74 -16.54
N2 A1H3J B . -14.95 -13.66 -16.41
N3 A1H3J B . -13.94 -11.50 -15.60
O1 A1H3J B . -19.72 -20.04 -19.34
C1 CLR C . -21.06 -2.68 -28.65
C2 CLR C . -21.31 -3.82 -29.64
C3 CLR C . -20.53 -3.58 -30.92
C4 CLR C . -19.05 -3.48 -30.61
C5 CLR C . -18.77 -2.39 -29.60
C6 CLR C . -17.87 -1.45 -29.86
C7 CLR C . -17.48 -0.33 -28.95
C8 CLR C . -18.06 -0.47 -27.55
C9 CLR C . -19.49 -1.05 -27.59
C10 CLR C . -19.57 -2.42 -28.31
C11 CLR C . -20.13 -1.03 -26.21
C12 CLR C . -20.08 0.32 -25.51
C13 CLR C . -18.64 0.86 -25.42
C14 CLR C . -18.10 0.88 -26.85
C15 CLR C . -16.81 1.69 -26.75
C16 CLR C . -17.18 2.79 -25.74
C17 CLR C . -18.48 2.35 -25.00
C18 CLR C . -17.78 -0.02 -24.50
C19 CLR C . -19.05 -3.56 -27.43
C20 CLR C . -18.41 2.74 -23.52
C21 CLR C . -19.68 2.44 -22.72
C22 CLR C . -18.09 4.24 -23.43
C23 CLR C . -18.16 4.85 -22.04
C24 CLR C . -17.78 6.32 -22.07
C25 CLR C . -17.25 6.89 -20.76
C26 CLR C . -16.27 8.03 -21.03
C27 CLR C . -18.36 7.38 -19.84
O1 CLR C . -20.81 -4.64 -31.81
C1 CLR D . -1.36 -26.95 -12.19
C2 CLR D . -1.92 -28.10 -13.02
C3 CLR D . -2.36 -29.25 -12.15
C4 CLR D . -3.35 -28.79 -11.09
C5 CLR D . -2.83 -27.60 -10.30
C6 CLR D . -2.74 -27.65 -8.98
C7 CLR D . -2.37 -26.49 -8.11
C8 CLR D . -2.28 -25.18 -8.89
C9 CLR D . -1.58 -25.41 -10.22
C10 CLR D . -2.34 -26.43 -11.13
C11 CLR D . -1.26 -24.10 -10.95
C12 CLR D . -0.54 -23.08 -10.06
C13 CLR D . -1.34 -22.77 -8.79
C14 CLR D . -1.53 -24.13 -8.08
C15 CLR D . -2.05 -23.75 -6.70
C16 CLR D . -1.35 -22.42 -6.39
C17 CLR D . -0.60 -21.97 -7.69
C18 CLR D . -2.67 -22.10 -9.12
C19 CLR D . -3.55 -25.77 -11.81
C20 CLR D . -0.51 -20.45 -7.79
C21 CLR D . 0.42 -19.94 -8.90
C22 CLR D . -0.04 -19.85 -6.46
C23 CLR D . 0.07 -18.33 -6.45
C24 CLR D . 1.29 -17.83 -5.69
C25 CLR D . 1.11 -17.72 -4.17
C26 CLR D . 2.20 -16.82 -3.58
C27 CLR D . -0.27 -17.21 -3.79
O1 CLR D . -2.92 -30.25 -12.99
C1 CLR E . -11.05 -26.28 -10.69
C2 CLR E . -11.71 -27.24 -11.67
C3 CLR E . -11.41 -28.68 -11.30
C4 CLR E . -11.85 -28.96 -9.87
C5 CLR E . -11.30 -27.96 -8.88
C6 CLR E . -10.74 -28.36 -7.74
C7 CLR E . -10.23 -27.46 -6.66
C8 CLR E . -10.71 -26.01 -6.85
C9 CLR E . -10.62 -25.61 -8.32
C10 CLR E . -11.50 -26.49 -9.23
C11 CLR E . -10.87 -24.11 -8.51
C12 CLR E . -10.05 -23.22 -7.59
C13 CLR E . -10.26 -23.58 -6.12
C14 CLR E . -9.87 -25.06 -5.99
C15 CLR E . -9.79 -25.31 -4.49
C16 CLR E . -9.24 -23.98 -3.94
C17 CLR E . -9.30 -22.93 -5.09
C18 CLR E . -11.72 -23.33 -5.69
C19 CLR E . -12.99 -26.16 -9.09
C20 CLR E . -9.57 -21.52 -4.54
C21 CLR E . -9.58 -20.42 -5.61
C22 CLR E . -8.55 -21.18 -3.45
C23 CLR E . -8.34 -19.69 -3.19
C24 CLR E . -7.55 -19.43 -1.92
C25 CLR E . -7.49 -17.96 -1.47
C26 CLR E . -6.46 -17.21 -2.29
C27 CLR E . -7.21 -17.82 0.02
O1 CLR E . -12.08 -29.52 -12.23
C3 OLA F . -12.34 -3.71 9.12
C4 OLA F . -13.70 -3.84 8.46
C5 OLA F . -13.54 -4.11 6.96
C6 OLA F . -12.72 -5.38 6.73
C7 OLA F . -13.52 -6.42 5.96
C8 OLA F . -12.61 -7.40 5.24
C9 OLA F . -13.35 -8.69 5.02
C10 OLA F . -13.36 -9.29 3.68
C11 OLA F . -13.85 -8.47 2.52
C12 OLA F . -13.47 -9.15 1.20
C7 OLA G . -17.69 -3.55 7.77
C8 OLA G . -17.54 -4.64 6.71
C9 OLA G . -17.45 -4.01 5.32
C10 OLA G . -16.62 -4.89 4.43
C11 OLA G . -15.96 -4.31 3.24
C12 OLA G . -18.90 -5.37 1.68
C13 OLA G . -19.07 -5.89 0.26
C14 OLA G . -20.06 -7.04 0.18
C15 OLA G . -21.28 -6.66 -0.64
C16 OLA G . -22.12 -7.89 -0.96
C17 OLA G . -23.16 -7.57 -2.03
C1 OLA H . 7.03 7.09 -4.73
O1 OLA H . 6.75 6.85 -3.54
O2 OLA H . 6.78 8.21 -5.19
C2 OLA H . 7.67 6.03 -5.60
C3 OLA H . 6.69 5.56 -6.66
C4 OLA H . 7.05 4.19 -7.18
C5 OLA H . 6.33 3.88 -8.49
C6 OLA H . 6.10 2.38 -8.65
C7 OLA H . 5.23 2.07 -9.86
C1 OLA I . -9.16 -33.15 -11.06
O1 OLA I . -9.00 -34.04 -11.93
O2 OLA I . -10.12 -32.37 -11.16
C2 OLA I . -8.18 -33.02 -9.91
C3 OLA I . -8.34 -31.67 -9.22
C4 OLA I . -7.12 -31.34 -8.38
C5 OLA I . -7.40 -30.21 -7.39
C6 OLA I . -6.12 -29.52 -6.95
C7 OLA I . -6.21 -29.09 -5.49
C8 OLA I . -5.47 -27.77 -5.27
C9 OLA I . -5.85 -27.19 -3.92
C10 OLA I . -5.95 -25.75 -3.72
C11 OLA I . -4.87 -24.80 -4.17
C12 OLA I . -5.17 -23.42 -3.59
C13 OLA I . -3.97 -22.49 -3.69
C14 OLA I . -3.87 -21.61 -2.43
C15 OLA I . -3.14 -20.31 -2.72
C16 OLA I . -2.92 -19.51 -1.44
C1 OLA J . -25.71 -19.64 -11.07
O1 OLA J . -26.87 -20.10 -11.18
O2 OLA J . -24.94 -19.69 -12.05
C2 OLA J . -25.26 -19.04 -9.76
C3 OLA J . -25.83 -17.63 -9.60
C4 OLA J . -24.81 -16.70 -8.96
C5 OLA J . -24.25 -17.29 -7.68
C6 OLA J . -23.03 -16.52 -7.19
C7 OLA J . -23.23 -15.02 -7.35
C8 OLA J . -22.85 -14.28 -6.07
C9 OLA J . -23.39 -15.04 -4.88
C10 OLA J . -23.33 -14.43 -3.55
C11 OLA J . -22.19 -13.50 -3.22
C12 OLA J . -22.52 -12.75 -1.92
C13 OLA J . -21.66 -11.50 -1.75
C14 OLA J . -20.23 -11.72 -2.22
C1 OLA K . -32.91 -8.96 -14.07
O1 OLA K . -34.16 -8.96 -14.07
O2 OLA K . -32.30 -9.06 -15.16
C2 OLA K . -32.14 -8.83 -12.79
C3 OLA K . -32.75 -7.70 -11.96
C4 OLA K . -31.71 -6.64 -11.62
C5 OLA K . -32.39 -5.34 -11.19
C6 OLA K . -32.58 -5.29 -9.67
C7 OLA K . -31.31 -4.78 -9.00
C8 OLA K . -31.66 -3.90 -7.81
C9 OLA K . -30.69 -4.17 -6.69
C10 OLA K . -31.12 -4.00 -5.30
C1 OLA L . -28.09 -7.83 -24.38
O1 OLA L . -28.40 -8.95 -24.87
O2 OLA L . -28.09 -6.82 -25.12
C2 OLA L . -27.73 -7.73 -22.92
C3 OLA L . -27.07 -6.38 -22.64
C4 OLA L . -26.90 -6.16 -21.14
C5 OLA L . -26.82 -4.68 -20.80
C6 OLA L . -26.55 -4.45 -19.31
C7 OLA L . -25.73 -3.19 -19.10
C8 OLA L . -25.48 -2.91 -17.62
C9 OLA L . -26.75 -2.41 -16.99
C10 OLA L . -26.79 -1.12 -16.27
C11 OLA L . -25.68 -0.72 -15.33
C12 OLA L . -25.85 0.74 -14.95
C13 OLA L . -25.64 1.64 -16.16
C14 OLA L . -25.16 3.04 -15.75
C15 OLA L . -23.68 3.06 -15.43
C16 OLA L . -23.20 4.48 -15.15
C17 OLA L . -23.64 4.94 -13.75
C18 OLA L . -23.47 6.45 -13.61
C1 OLA M . 0.93 -29.80 -17.34
O1 OLA M . 0.12 -30.13 -18.23
O2 OLA M . 2.05 -30.35 -17.30
C2 OLA M . 0.56 -28.73 -16.34
C3 OLA M . 1.77 -27.86 -16.01
C4 OLA M . 1.55 -27.09 -14.71
C5 OLA M . 2.61 -26.00 -14.53
C6 OLA M . 2.13 -24.87 -13.63
C7 OLA M . 3.33 -24.21 -12.93
C8 OLA M . 2.93 -23.00 -12.08
C9 OLA M . 4.05 -22.75 -11.10
C10 OLA M . 3.95 -21.67 -10.08
C11 OLA M . 4.60 -20.33 -10.31
C12 OLA M . 4.29 -19.40 -9.13
C13 OLA M . 5.56 -18.85 -8.50
C14 OLA M . 5.25 -18.10 -7.21
C1 OLA N . -31.87 -3.60 -21.15
O1 OLA N . -32.64 -4.04 -22.04
O2 OLA N . -30.91 -4.30 -20.78
C2 OLA N . -32.09 -2.23 -20.54
C3 OLA N . -30.74 -1.64 -20.13
C4 OLA N . -30.75 -1.23 -18.67
C5 OLA N . -31.73 -0.10 -18.42
C6 OLA N . -31.35 0.67 -17.16
C7 OLA N . -31.89 2.09 -17.18
C8 OLA N . -31.32 2.88 -16.01
C9 OLA N . -31.38 4.35 -16.34
C10 OLA N . -30.14 5.09 -16.54
C11 OLA N . -28.91 4.80 -15.71
C12 OLA N . -27.88 5.87 -16.01
C13 OLA N . -26.88 6.08 -14.87
C14 OLA N . -27.37 5.49 -13.55
C10 OLC O . -9.24 8.06 -15.06
C9 OLC O . -8.53 8.67 -14.10
C11 OLC O . -8.36 7.21 -16.01
C8 OLC O . -7.22 9.03 -13.36
C24 OLC O . -0.55 16.28 -6.26
C12 OLC O . -9.27 6.41 -16.99
C7 OLC O . -7.56 9.67 -11.99
C6 OLC O . -6.26 9.78 -11.14
C5 OLC O . -6.60 10.44 -9.75
C4 OLC O . -5.71 11.70 -9.56
C3 OLC O . -4.98 11.60 -8.19
C2 OLC O . -3.74 12.53 -8.18
C21 OLC O . -2.45 15.28 -7.56
C1 OLC O . -3.78 13.42 -6.92
C22 OLC O . -1.94 16.56 -6.85
O19 OLC O . -4.73 13.39 -6.21
O25 OLC O . 0.01 17.50 -5.83
O23 OLC O . -1.85 17.60 -7.77
O20 OLC O . -2.70 14.27 -6.61
C1 OLB P . 5.50 -23.34 -16.53
C2 OLB P . 6.25 -22.04 -16.43
C3 OLB P . 5.79 -21.17 -15.28
C4 OLB P . 6.96 -20.53 -14.55
C5 OLB P . 6.58 -19.30 -13.72
O19 OLB P . 5.19 -24.04 -15.60
O20 OLB P . 5.21 -23.66 -17.79
C21 OLB P . 5.23 -25.04 -18.15
C22 OLB P . 4.39 -25.20 -19.40
O23 OLB P . 4.94 -26.14 -20.30
C24 OLB P . 2.95 -25.55 -18.99
O25 OLB P . 2.18 -25.72 -20.16
C6 OLB P . 7.49 -19.09 -12.53
C7 OLB P . 7.45 -17.66 -11.97
C8 OLB P . 6.04 -17.18 -11.65
C9 OLB P . 6.03 -15.83 -11.01
C10 OLB P . 6.14 -15.55 -9.71
C18 OLC Q . -21.33 8.88 -15.53
C10 OLC Q . -23.56 1.21 -19.42
C9 OLC Q . -23.19 0.16 -20.16
C17 OLC Q . -21.11 7.51 -16.22
C11 OLC Q . -22.33 1.94 -18.82
C8 OLC Q . -22.12 -0.77 -20.78
C24 OLC Q . -25.59 -5.91 -31.49
C16 OLC Q . -21.30 7.68 -17.75
C12 OLC Q . -22.56 3.47 -18.91
C7 OLC Q . -22.83 -1.82 -21.68
C15 OLC Q . -21.90 6.38 -18.35
C13 OLC Q . -21.24 4.16 -19.35
C6 OLC Q . -22.82 -1.32 -23.16
C14 OLC Q . -20.86 5.24 -18.29
C5 OLC Q . -22.87 -2.57 -24.08
C4 OLC Q . -24.34 -2.91 -24.43
C3 OLC Q . -24.35 -3.79 -25.70
C2 OLC Q . -25.78 -4.24 -26.07
C21 OLC Q . -26.96 -5.01 -29.58
C1 OLC Q . -25.89 -4.30 -27.60
C22 OLC Q . -26.69 -6.25 -30.46
O19 OLC Q . -25.34 -3.48 -28.26
O25 OLC Q . -25.81 -6.65 -32.67
O23 OLC Q . -26.25 -7.31 -29.66
O20 OLC Q . -26.64 -5.31 -28.24
C1 OLA R . -20.99 10.10 -0.10
O1 OLA R . -20.29 10.78 0.66
O2 OLA R . -21.28 10.57 -1.23
C2 OLA R . -21.49 8.74 0.30
C3 OLA R . -20.74 8.28 1.54
C4 OLA R . -21.70 7.98 2.69
C5 OLA R . -22.32 6.59 2.56
C6 OLA R . -21.47 5.54 3.27
C7 OLA R . -20.61 4.77 2.28
C8 OLA R . -20.29 3.37 2.78
C9 OLA R . -19.64 2.59 1.67
C10 OLA R . -19.77 1.13 1.62
C1 OLA S . -15.04 23.06 -2.76
O1 OLA S . -16.10 23.60 -2.41
O2 OLA S . -14.07 23.08 -1.98
C2 OLA S . -14.92 22.36 -4.10
C3 OLA S . -16.29 22.04 -4.68
C4 OLA S . -16.31 20.66 -5.34
C5 OLA S . -15.01 20.36 -6.08
C6 OLA S . -14.34 19.08 -5.59
C7 OLA S . -13.75 18.31 -6.76
C8 OLA S . -13.35 16.88 -6.41
C9 OLA S . -14.20 16.32 -5.29
C10 OLA S . -14.43 14.88 -5.21
C11 OLA S . -15.26 14.20 -6.28
C12 OLA S . -15.04 12.70 -6.26
C13 OLA S . -16.19 11.97 -6.93
C14 OLA S . -15.88 11.59 -8.38
C15 OLA S . -17.13 11.09 -9.09
C16 OLA S . -16.79 10.23 -10.29
C17 OLA S . -18.05 9.78 -11.02
C1 OLA T . -2.37 13.94 -11.90
C2 OLA T . -2.86 13.33 -13.21
C3 OLA T . -3.09 11.83 -13.07
C4 OLA T . -4.32 11.40 -13.86
C5 OLA T . -3.93 10.79 -15.21
C6 OLA T . -5.12 10.90 -16.13
C7 OLA T . -5.44 9.86 -17.13
C8 OLA T . -4.41 9.41 -18.14
C9 OLA T . -5.12 8.51 -19.15
C10 OLA T . -4.13 7.91 -20.15
C11 OLA T . -4.82 6.87 -21.02
C12 OLA T . -4.89 7.29 -22.49
C13 OLA T . -4.49 6.14 -23.40
C14 OLA T . -3.12 5.58 -22.99
C15 OLA T . -2.68 4.46 -23.93
C9 OLA U . 2.18 -7.85 4.09
C10 OLA U . 1.98 -8.24 2.68
C11 OLA U . 1.63 -7.19 1.66
C12 OLA U . 1.72 -7.78 0.26
C13 OLA U . 0.47 -8.54 -0.11
C14 OLA U . 0.76 -9.70 -1.04
C15 OLA U . 0.73 -11.03 -0.30
C16 OLA U . 0.50 -12.18 -1.28
C17 OLA U . 1.71 -12.37 -2.18
C18 OLA U . 1.33 -13.16 -3.44
C1 OLA V . -16.50 -29.20 -9.09
O1 OLA V . -17.69 -29.60 -9.13
O2 OLA V . -15.79 -29.29 -10.12
C2 OLA V . -15.93 -28.61 -7.81
C3 OLA V . -16.59 -27.27 -7.56
C4 OLA V . -17.21 -27.21 -6.17
C5 OLA V . -16.63 -26.07 -5.35
C6 OLA V . -15.14 -25.88 -5.61
C7 OLA V . -14.32 -26.28 -4.39
C8 OLA V . -14.91 -25.64 -3.14
C9 OLA V . -14.52 -24.18 -3.09
C10 OLA V . -15.42 -23.21 -2.48
C11 OLA V . -16.71 -22.86 -3.18
C12 OLA V . -17.74 -22.34 -2.17
C13 OLA V . -17.13 -21.25 -1.30
C1 OLA W . 10.63 13.48 -17.12
O1 OLA W . 11.07 13.91 -16.03
O2 OLA W . 10.48 14.28 -18.07
C2 OLA W . 10.28 12.02 -17.28
C3 OLA W . 9.53 11.81 -18.59
C4 OLA W . 8.62 10.60 -18.51
C5 OLA W . 9.38 9.35 -18.14
C6 OLA W . 8.68 8.09 -18.66
C7 OLA W . 9.06 6.86 -17.85
C8 OLA W . 8.60 5.58 -18.55
C9 OLA W . 8.91 5.69 -20.03
C10 OLA W . 8.19 4.89 -21.03
C11 OLA W . 8.07 3.39 -20.91
C12 OLA W . 7.21 2.87 -22.06
C13 OLA W . 7.92 1.76 -22.82
C14 OLA W . 7.45 0.40 -22.32
C15 OLA W . 5.98 0.17 -22.64
C16 OLA W . 5.48 -1.13 -22.02
C17 OLA W . 4.24 -1.63 -22.75
C18 OLA W . 3.74 -2.94 -22.16
C1 OLA X . -14.79 -2.33 -33.00
O1 OLA X . -15.40 -3.41 -33.16
O2 OLA X . -14.06 -1.90 -33.93
C2 OLA X . -14.93 -1.55 -31.72
C3 OLA X . -13.54 -1.23 -31.15
C4 OLA X . -13.07 0.14 -31.60
C5 OLA X . -13.92 1.25 -31.00
C6 OLA X . -13.20 1.94 -29.85
C7 OLA X . -13.57 3.40 -29.76
C8 OLA X . -12.92 4.06 -28.55
C9 OLA X . -13.00 3.11 -27.38
C10 OLA X . -13.20 3.60 -26.01
C11 OLA X . -12.56 4.89 -25.57
C1 OLA Y . -8.23 15.13 -4.13
O1 OLA Y . -8.32 14.20 -3.30
O2 OLA Y . -7.14 15.73 -4.27
C2 OLA Y . -9.43 15.53 -4.95
C3 OLA Y . -9.09 15.39 -6.43
C4 OLA Y . -9.27 13.96 -6.89
C5 OLA Y . -10.62 13.42 -6.46
C6 OLA Y . -11.25 12.53 -7.54
C7 OLA Y . -10.19 11.92 -8.46
C8 OLA Y . -10.84 11.53 -9.78
C9 OLA Y . -11.96 10.57 -9.48
C10 OLA Y . -12.85 10.15 -10.57
C11 OLA Y . -13.12 8.69 -10.81
C12 OLA Y . -13.63 8.54 -12.24
C1 OLA Z . -24.85 -24.57 -6.80
O1 OLA Z . -24.45 -25.60 -6.21
O2 OLA Z . -25.49 -24.68 -7.86
C2 OLA Z . -24.58 -23.20 -6.21
C3 OLA Z . -23.72 -23.33 -4.96
C4 OLA Z . -23.85 -22.09 -4.07
C5 OLA Z . -23.77 -20.83 -4.91
C6 OLA Z . -23.28 -19.61 -4.12
C7 OLA Z . -22.36 -19.97 -2.96
C8 OLA Z . -22.22 -18.79 -2.01
C9 OLA Z . -21.00 -18.96 -1.14
C10 OLA Z . -20.79 -18.08 0.02
C11 OLA Z . -21.16 -16.61 -0.07
C1 OLA AA . -10.39 -2.65 -34.30
O1 OLA AA . -11.23 -1.74 -34.48
O2 OLA AA . -10.39 -3.64 -35.06
C2 OLA AA . -9.39 -2.55 -33.18
C3 OLA AA . -9.89 -1.65 -32.05
C4 OLA AA . -8.97 -0.46 -31.88
C5 OLA AA . -8.82 -0.03 -30.43
C6 OLA AA . -7.37 0.40 -30.15
C7 OLA AA . -6.96 0.14 -28.71
C8 OLA AA . -5.46 0.32 -28.51
C9 OLA AA . -5.16 0.66 -27.07
C10 OLA AA . -3.85 1.20 -26.68
C11 OLA AA . -3.33 1.02 -25.28
C2 OLA BA . -8.94 8.81 -21.52
C3 OLA BA . -8.52 7.55 -22.27
C4 OLA BA . -9.73 6.74 -22.71
C5 OLA BA . -9.33 5.39 -23.29
C6 OLA BA . -8.08 5.47 -24.16
C7 OLA BA . -7.78 4.11 -24.77
C8 OLA BA . -8.91 3.70 -25.71
C9 OLA BA . -8.52 2.47 -26.49
C10 OLC CA . -30.82 -2.00 -13.30
C9 OLC CA . -30.44 -3.01 -14.09
C8 OLC CA . -29.57 -3.62 -15.23
C24 OLC CA . -28.80 -15.35 -19.52
C7 OLC CA . -30.37 -4.71 -15.98
C6 OLC CA . -29.38 -5.62 -16.78
C5 OLC CA . -30.09 -6.15 -18.06
C4 OLC CA . -29.35 -7.42 -18.57
C3 OLC CA . -30.31 -8.64 -18.47
C2 OLC CA . -30.07 -9.59 -19.68
C21 OLC CA . -28.65 -12.86 -19.30
C1 OLC CA . -30.18 -11.06 -19.20
C22 OLC CA . -28.25 -14.07 -20.16
O19 OLC CA . -30.73 -11.30 -18.16
O25 OLC CA . -29.91 -15.04 -18.72
O23 OLC CA . -28.77 -13.93 -21.45
O20 OLC CA . -29.65 -12.11 -19.97
C1 OLA DA . 4.70 12.71 -17.40
O1 OLA DA . 3.57 13.05 -16.98
O2 OLA DA . 5.72 13.20 -16.86
C2 OLA DA . 4.84 11.73 -18.54
C3 OLA DA . 3.55 11.74 -19.38
C4 OLA DA . 3.00 10.34 -19.55
C5 OLA DA . 3.59 9.65 -20.78
C6 OLA DA . 4.63 8.61 -20.39
C7 OLA DA . 3.98 7.27 -20.09
C8 OLA DA . 4.96 6.11 -20.28
C9 OLA DA . 4.88 5.61 -21.71
C1 OLA EA . -5.92 -3.10 -34.02
O1 OLA EA . -6.15 -4.29 -34.30
O2 OLA EA . -6.59 -2.20 -34.57
C2 OLA EA . -4.82 -2.73 -33.04
C3 OLA EA . -5.28 -1.52 -32.23
C4 OLA EA . -4.58 -0.24 -32.68
C5 OLA EA . -3.19 -0.14 -32.07
C6 OLA EA . -2.89 1.30 -31.68
C7 OLA EA . -2.16 1.34 -30.33
C8 OLA EA . -0.68 1.62 -30.53
C9 OLA EA . 0.02 1.50 -29.20
C10 OLA EA . 0.51 2.71 -28.52
C11 OLA EA . 0.48 4.03 -29.23
NA NA FA . -8.93 -1.83 -7.08
#